data_1TWX
#
_entry.id   1TWX
#
_cell.length_a   92.150
_cell.length_b   80.010
_cell.length_c   100.600
_cell.angle_alpha   90.00
_cell.angle_beta   90.00
_cell.angle_gamma   90.00
#
_symmetry.space_group_name_H-M   'C 2 2 21'
#
loop_
_entity.id
_entity.type
_entity.pdbx_description
1 polymer Prothrombin
2 polymer Prothrombin
3 polymer Hirudin
4 non-polymer 2-acetamido-2-deoxy-beta-D-glucopyranose
5 water water
#
loop_
_entity_poly.entity_id
_entity_poly.type
_entity_poly.pdbx_seq_one_letter_code
_entity_poly.pdbx_strand_id
1 'polypeptide(L)' ADCGLRPLFEKKSLEDKTERELLESYID A
2 'polypeptide(L)'
;IVEGSDAEIGMSPWQVMLFRKSPQELLCGASLISDRWVLTAAHCLLYPPWDKNFTENDLLVRIGKHSRTRYERNIEKISM
LEKIYIHPRYNWRENLDRDIALMKLKKPVAFSDYIHPVCLPDRETAASLLQAGYKGRVTGWGNLKETWTANVGKGQPSVL
QVVNLPIVERPVCKDSTRIRITDNMFCAGYKPDEGKRGDACEGDSGGPFVMKSPFNNRWYQMGIVSWGEGCARKGKYGFY
THVFRLKKWIQKVIDQFGE
;
B
3 'polypeptide(L)' DFEEIPGE(TYS)L C
#
# COMPACT_ATOMS: atom_id res chain seq x y z
N ALA A 1 16.68 8.80 7.04
CA ALA A 1 17.57 8.92 5.90
C ALA A 1 18.13 7.54 5.49
N ASP A 2 17.36 6.51 5.64
CA ASP A 2 17.76 5.20 5.36
C ASP A 2 16.67 4.48 4.64
N CYS A 3 15.51 5.10 4.64
CA CYS A 3 14.35 4.52 4.01
C CYS A 3 14.60 3.84 2.68
N GLY A 4 13.47 3.58 2.08
CA GLY A 4 13.44 2.95 0.81
C GLY A 4 14.69 2.11 0.58
N LEU A 5 15.43 1.75 1.62
CA LEU A 5 16.62 0.91 1.41
C LEU A 5 16.46 -0.44 2.10
N ARG A 6 16.20 -1.49 1.34
CA ARG A 6 15.92 -2.80 1.89
C ARG A 6 17.18 -3.55 2.34
N PRO A 7 17.13 -4.14 3.54
CA PRO A 7 18.24 -4.89 4.11
C PRO A 7 18.65 -6.11 3.30
N LEU A 8 17.67 -6.78 2.69
CA LEU A 8 17.97 -7.97 1.91
C LEU A 8 18.28 -7.74 0.45
N PHE A 9 18.26 -6.48 -0.01
CA PHE A 9 18.57 -6.24 -1.41
C PHE A 9 19.53 -5.08 -1.67
N GLU A 10 19.05 -3.86 -1.54
CA GLU A 10 19.90 -2.69 -1.76
C GLU A 10 21.11 -2.71 -0.85
N LYS A 11 20.89 -2.75 0.46
CA LYS A 11 21.99 -2.77 1.42
C LYS A 11 22.92 -3.94 1.17
N LYS A 12 22.35 -5.04 0.70
CA LYS A 12 23.09 -6.27 0.43
C LYS A 12 23.62 -6.27 -1.00
N SER A 13 23.35 -5.18 -1.72
CA SER A 13 23.79 -5.01 -3.10
C SER A 13 23.24 -6.13 -4.00
N LEU A 14 21.93 -6.33 -3.93
CA LEU A 14 21.21 -7.34 -4.72
C LEU A 14 19.87 -6.76 -5.18
N GLU A 15 19.30 -7.35 -6.23
CA GLU A 15 18.01 -6.88 -6.73
C GLU A 15 17.01 -8.02 -6.69
N ASP A 16 15.72 -7.68 -6.72
CA ASP A 16 14.68 -8.70 -6.69
C ASP A 16 14.34 -9.21 -8.07
N LYS A 17 13.51 -10.23 -8.13
CA LYS A 17 13.10 -10.87 -9.37
C LYS A 17 12.61 -9.96 -10.51
N THR A 18 11.98 -8.83 -10.19
CA THR A 18 11.46 -7.98 -11.28
C THR A 18 11.70 -6.48 -11.25
N GLU A 19 12.47 -5.98 -10.30
CA GLU A 19 12.71 -4.54 -10.25
C GLU A 19 13.23 -4.05 -11.59
N ARG A 20 13.76 -4.96 -12.40
CA ARG A 20 14.29 -4.61 -13.72
C ARG A 20 13.19 -4.01 -14.57
N GLU A 21 12.07 -4.71 -14.64
CA GLU A 21 10.94 -4.26 -15.44
C GLU A 21 10.61 -2.81 -15.13
N LEU A 22 10.59 -2.47 -13.84
CA LEU A 22 10.28 -1.12 -13.43
C LEU A 22 11.29 -0.17 -14.04
N LEU A 23 12.54 -0.34 -13.64
CA LEU A 23 13.61 0.52 -14.13
C LEU A 23 13.61 0.62 -15.64
N GLU A 24 13.04 -0.38 -16.30
CA GLU A 24 12.98 -0.36 -17.76
C GLU A 24 11.81 0.44 -18.32
N SER A 25 10.79 0.66 -17.50
CA SER A 25 9.62 1.41 -17.95
C SER A 25 9.95 2.90 -18.06
N TYR A 26 10.98 3.34 -17.33
CA TYR A 26 11.40 4.73 -17.40
C TYR A 26 12.05 5.01 -18.74
N ILE A 27 13.08 4.22 -19.04
CA ILE A 27 13.86 4.32 -20.27
C ILE A 27 12.96 4.30 -21.50
N ASP A 28 11.95 3.44 -21.45
CA ASP A 28 11.01 3.24 -22.55
C ASP A 28 11.59 2.25 -23.56
N ILE B 1 -3.99 -9.60 -4.91
CA ILE B 1 -3.31 -9.26 -6.20
C ILE B 1 -3.70 -10.25 -7.30
N VAL B 2 -4.15 -9.72 -8.44
CA VAL B 2 -4.55 -10.55 -9.57
C VAL B 2 -3.45 -10.60 -10.63
N GLU B 3 -2.93 -11.80 -10.89
CA GLU B 3 -1.87 -12.01 -11.87
C GLU B 3 -0.50 -11.57 -11.37
N GLY B 4 -0.21 -11.89 -10.11
CA GLY B 4 1.09 -11.51 -9.58
C GLY B 4 2.01 -12.68 -9.38
N SER B 5 2.87 -12.57 -8.37
CA SER B 5 3.82 -13.62 -8.04
C SER B 5 4.07 -13.48 -6.55
N ASP B 6 4.67 -14.49 -5.94
CA ASP B 6 4.94 -14.44 -4.51
C ASP B 6 6.03 -13.45 -4.18
N ALA B 7 5.77 -12.61 -3.19
CA ALA B 7 6.76 -11.63 -2.79
C ALA B 7 8.00 -12.39 -2.35
N GLU B 8 9.16 -11.95 -2.82
CA GLU B 8 10.42 -12.57 -2.45
C GLU B 8 10.61 -12.20 -0.98
N ILE B 9 11.37 -12.99 -0.23
CA ILE B 9 11.55 -12.69 1.18
C ILE B 9 12.19 -11.31 1.40
N GLY B 10 11.58 -10.52 2.29
CA GLY B 10 12.08 -9.18 2.60
C GLY B 10 11.93 -8.17 1.48
N MET B 11 11.35 -8.61 0.37
CA MET B 11 11.14 -7.77 -0.81
C MET B 11 10.40 -6.45 -0.50
N SER B 12 9.42 -6.51 0.39
CA SER B 12 8.67 -5.31 0.79
C SER B 12 8.61 -5.21 2.31
N PRO B 13 9.74 -4.87 2.94
CA PRO B 13 9.83 -4.74 4.41
C PRO B 13 8.96 -3.65 5.01
N TRP B 14 8.29 -2.88 4.17
CA TRP B 14 7.43 -1.80 4.64
C TRP B 14 5.96 -2.14 4.61
N GLN B 15 5.63 -3.29 4.03
CA GLN B 15 4.24 -3.73 3.94
C GLN B 15 3.74 -4.07 5.35
N VAL B 16 2.57 -3.57 5.70
CA VAL B 16 1.96 -3.80 7.01
C VAL B 16 0.55 -4.35 6.82
N MET B 17 0.22 -5.43 7.52
CA MET B 17 -1.11 -6.03 7.44
C MET B 17 -2.03 -5.49 8.52
N LEU B 18 -3.15 -4.89 8.13
CA LEU B 18 -4.11 -4.36 9.11
C LEU B 18 -4.95 -5.54 9.63
N PHE B 19 -4.81 -5.84 10.92
CA PHE B 19 -5.51 -6.97 11.52
C PHE B 19 -6.64 -6.62 12.48
N ARG B 20 -7.72 -7.40 12.44
CA ARG B 20 -8.87 -7.19 13.33
C ARG B 20 -8.69 -8.02 14.59
N LYS B 21 -8.98 -7.43 15.75
CA LYS B 21 -8.85 -8.14 17.02
C LYS B 21 -9.82 -9.32 17.06
N SER B 22 -11.10 -9.01 17.23
CA SER B 22 -12.13 -10.04 17.28
C SER B 22 -13.32 -9.66 16.42
N PRO B 23 -13.66 -10.54 15.46
CA PRO B 23 -12.94 -11.80 15.22
C PRO B 23 -11.62 -11.55 14.50
N GLN B 24 -10.60 -12.35 14.80
CA GLN B 24 -9.30 -12.20 14.15
C GLN B 24 -9.44 -12.33 12.64
N GLU B 25 -8.95 -11.34 11.90
CA GLU B 25 -9.00 -11.37 10.44
C GLU B 25 -8.24 -10.21 9.79
N LEU B 26 -8.02 -10.34 8.49
CA LEU B 26 -7.32 -9.34 7.70
C LEU B 26 -8.27 -8.27 7.22
N LEU B 27 -8.05 -7.03 7.65
CA LEU B 27 -8.88 -5.92 7.25
C LEU B 27 -8.35 -5.25 5.99
N CYS B 28 -7.08 -4.86 6.03
CA CYS B 28 -6.42 -4.21 4.90
C CYS B 28 -4.91 -4.33 4.95
N GLY B 29 -4.26 -3.61 4.04
CA GLY B 29 -2.81 -3.57 3.99
C GLY B 29 -2.43 -2.13 4.29
N ALA B 30 -1.16 -1.88 4.59
CA ALA B 30 -0.70 -0.53 4.89
C ALA B 30 0.81 -0.46 4.69
N SER B 31 1.42 0.66 5.05
CA SER B 31 2.86 0.81 4.88
C SER B 31 3.52 1.42 6.10
N LEU B 32 4.77 1.02 6.34
CA LEU B 32 5.51 1.54 7.47
C LEU B 32 6.32 2.74 7.00
N ILE B 33 6.12 3.90 7.63
CA ILE B 33 6.84 5.10 7.24
C ILE B 33 7.75 5.68 8.34
N SER B 34 7.98 4.89 9.38
CA SER B 34 8.82 5.25 10.52
C SER B 34 8.39 4.33 11.65
N ASP B 35 9.26 4.15 12.64
CA ASP B 35 8.94 3.25 13.75
C ASP B 35 7.66 3.55 14.53
N ARG B 36 7.10 4.74 14.37
CA ARG B 36 5.90 5.11 15.11
C ARG B 36 4.63 5.28 14.25
N TRP B 37 4.79 5.48 12.94
CA TRP B 37 3.63 5.68 12.07
C TRP B 37 3.46 4.73 10.90
N VAL B 38 2.20 4.41 10.61
CA VAL B 38 1.85 3.55 9.50
C VAL B 38 0.79 4.28 8.70
N LEU B 39 0.87 4.16 7.39
CA LEU B 39 -0.06 4.82 6.47
C LEU B 39 -1.02 3.81 5.84
N THR B 40 -2.26 4.22 5.63
CA THR B 40 -3.28 3.35 5.03
C THR B 40 -4.38 4.19 4.40
N ALA B 41 -5.32 3.52 3.72
CA ALA B 41 -6.44 4.23 3.09
C ALA B 41 -7.47 4.49 4.20
N ALA B 42 -8.26 5.55 4.01
CA ALA B 42 -9.23 5.90 5.04
C ALA B 42 -10.49 5.03 5.10
N HIS B 43 -10.95 4.48 3.99
CA HIS B 43 -12.17 3.63 4.04
C HIS B 43 -11.92 2.26 4.71
N CYS B 44 -10.65 1.93 5.02
CA CYS B 44 -10.32 0.69 5.73
C CYS B 44 -10.73 0.85 7.20
N LEU B 45 -10.77 2.10 7.65
CA LEU B 45 -11.11 2.42 9.03
C LEU B 45 -12.49 3.07 9.20
N LEU B 46 -12.97 3.73 8.16
CA LEU B 46 -14.27 4.37 8.24
C LEU B 46 -14.99 4.31 6.91
N TYR B 47 -16.20 3.78 6.94
CA TYR B 47 -17.01 3.70 5.75
C TYR B 47 -18.47 3.49 6.15
N PRO B 48 -19.18 4.59 6.43
CA PRO B 48 -20.58 4.59 6.84
C PRO B 48 -21.46 3.63 6.04
N PRO B 49 -21.32 3.62 4.71
CA PRO B 49 -22.14 2.73 3.89
C PRO B 49 -22.17 1.30 4.41
N TRP B 50 -21.09 0.85 5.04
CA TRP B 50 -21.07 -0.53 5.56
C TRP B 50 -21.03 -0.56 7.07
N ASP B 51 -21.36 0.57 7.69
CA ASP B 51 -21.36 0.67 9.14
C ASP B 51 -19.96 0.34 9.67
N LYS B 52 -18.96 1.00 9.11
CA LYS B 52 -17.59 0.79 9.53
C LYS B 52 -17.05 2.08 10.14
N ASN B 53 -16.51 1.96 11.35
CA ASN B 53 -15.98 3.11 12.07
C ASN B 53 -15.09 2.59 13.21
N PHE B 54 -14.12 1.74 12.85
CA PHE B 54 -13.19 1.16 13.79
C PHE B 54 -12.49 2.12 14.76
N THR B 55 -12.21 1.62 15.97
CA THR B 55 -11.52 2.39 17.00
C THR B 55 -10.16 1.73 17.19
N GLU B 56 -9.16 2.52 17.56
CA GLU B 56 -7.82 1.96 17.78
C GLU B 56 -7.86 0.71 18.64
N ASN B 57 -8.82 0.65 19.55
CA ASN B 57 -8.95 -0.50 20.44
C ASN B 57 -9.79 -1.59 19.80
N ASP B 58 -9.68 -1.73 18.47
CA ASP B 58 -10.42 -2.74 17.73
C ASP B 58 -9.50 -3.59 16.87
N LEU B 59 -8.33 -3.05 16.55
CA LEU B 59 -7.39 -3.75 15.68
C LEU B 59 -5.91 -3.57 16.01
N LEU B 60 -5.10 -4.46 15.46
CA LEU B 60 -3.65 -4.45 15.65
C LEU B 60 -2.98 -4.27 14.29
N VAL B 61 -1.66 -4.19 14.27
CA VAL B 61 -0.90 -4.05 13.02
C VAL B 61 0.25 -5.05 13.00
N ARG B 62 0.23 -5.94 12.02
CA ARG B 62 1.28 -6.95 11.91
C ARG B 62 2.31 -6.51 10.89
N ILE B 63 3.51 -6.23 11.38
CA ILE B 63 4.59 -5.76 10.51
C ILE B 63 5.68 -6.80 10.30
N GLY B 64 6.24 -6.83 9.10
CA GLY B 64 7.28 -7.78 8.80
C GLY B 64 6.76 -9.17 8.50
N LYS B 65 5.53 -9.24 7.98
CA LYS B 65 4.92 -10.52 7.65
C LYS B 65 5.17 -10.99 6.21
N HIS B 66 4.91 -12.26 5.96
CA HIS B 66 5.07 -12.85 4.63
C HIS B 66 3.95 -13.85 4.43
N SER B 67 3.77 -14.73 5.41
CA SER B 67 2.69 -15.72 5.36
C SER B 67 1.43 -14.95 5.74
N ARG B 68 0.40 -15.09 4.92
CA ARG B 68 -0.86 -14.41 5.16
C ARG B 68 -1.53 -14.80 6.47
N THR B 69 -1.67 -16.11 6.70
CA THR B 69 -2.37 -16.62 7.89
C THR B 69 -1.55 -17.06 9.10
N ARG B 70 -0.33 -17.53 8.88
CA ARG B 70 0.51 -18.00 9.99
C ARG B 70 1.06 -16.92 10.92
N TYR B 71 1.23 -17.28 12.19
CA TYR B 71 1.80 -16.34 13.14
C TYR B 71 3.31 -16.54 12.95
N GLU B 72 3.97 -15.54 12.39
CA GLU B 72 5.39 -15.64 12.12
C GLU B 72 6.31 -15.22 13.25
N ARG B 73 6.38 -16.08 14.27
CA ARG B 73 7.21 -15.83 15.44
C ARG B 73 8.66 -15.55 15.06
N ASN B 74 9.28 -14.62 15.79
CA ASN B 74 10.67 -14.22 15.58
C ASN B 74 10.94 -13.50 14.27
N ILE B 75 9.88 -13.04 13.62
CA ILE B 75 10.03 -12.31 12.38
C ILE B 75 9.06 -11.13 12.38
N GLU B 76 7.78 -11.40 12.20
CA GLU B 76 6.79 -10.33 12.19
C GLU B 76 6.66 -9.67 13.56
N LYS B 77 6.04 -8.50 13.58
CA LYS B 77 5.84 -7.78 14.83
C LYS B 77 4.46 -7.16 14.89
N ILE B 78 3.77 -7.40 15.99
CA ILE B 78 2.44 -6.87 16.19
C ILE B 78 2.48 -5.70 17.16
N SER B 79 1.98 -4.56 16.69
CA SER B 79 1.97 -3.36 17.50
C SER B 79 0.55 -2.91 17.72
N MET B 80 0.33 -2.13 18.77
CA MET B 80 -1.00 -1.64 19.07
C MET B 80 -1.14 -0.21 18.62
N LEU B 81 -2.37 0.19 18.32
CA LEU B 81 -2.64 1.54 17.86
C LEU B 81 -2.75 2.54 18.98
N GLU B 82 -1.93 3.59 18.90
CA GLU B 82 -1.96 4.66 19.88
C GLU B 82 -3.17 5.50 19.53
N LYS B 83 -3.13 6.13 18.36
CA LYS B 83 -4.24 6.97 17.90
C LYS B 83 -4.43 6.86 16.38
N ILE B 84 -5.65 7.14 15.93
CA ILE B 84 -5.97 7.07 14.51
C ILE B 84 -6.37 8.42 13.92
N TYR B 85 -5.79 8.76 12.77
CA TYR B 85 -6.11 10.04 12.13
C TYR B 85 -6.60 9.84 10.70
N ILE B 86 -7.82 10.29 10.42
CA ILE B 86 -8.37 10.18 9.07
C ILE B 86 -8.41 11.57 8.48
N HIS B 87 -8.07 11.69 7.20
CA HIS B 87 -8.10 13.00 6.59
C HIS B 87 -9.47 13.61 6.85
N PRO B 88 -9.52 14.89 7.21
CA PRO B 88 -10.77 15.59 7.51
C PRO B 88 -11.67 15.84 6.30
N ARG B 89 -11.11 15.85 5.10
CA ARG B 89 -11.93 16.08 3.92
C ARG B 89 -12.10 14.81 3.10
N TYR B 90 -12.04 13.68 3.79
CA TYR B 90 -12.20 12.37 3.17
C TYR B 90 -13.67 12.21 2.78
N ASN B 91 -13.92 12.16 1.48
CA ASN B 91 -15.27 12.04 0.95
C ASN B 91 -15.67 10.61 0.61
N TRP B 92 -16.25 9.92 1.58
CA TRP B 92 -16.69 8.54 1.41
C TRP B 92 -18.07 8.47 0.80
N ARG B 93 -18.83 9.55 0.98
CA ARG B 93 -20.18 9.62 0.45
C ARG B 93 -20.23 9.62 -1.08
N GLU B 94 -19.13 10.00 -1.72
CA GLU B 94 -19.11 10.06 -3.18
C GLU B 94 -18.06 9.21 -3.90
N ASN B 95 -16.85 9.76 -4.02
CA ASN B 95 -15.79 9.07 -4.75
C ASN B 95 -14.53 8.74 -3.94
N LEU B 96 -14.64 8.75 -2.61
CA LEU B 96 -13.49 8.45 -1.78
C LEU B 96 -12.31 9.38 -2.05
N ASP B 97 -12.58 10.64 -2.32
CA ASP B 97 -11.50 11.61 -2.55
C ASP B 97 -10.78 11.75 -1.22
N ARG B 98 -9.45 11.85 -1.28
CA ARG B 98 -8.64 11.97 -0.09
C ARG B 98 -8.80 10.72 0.76
N ASP B 99 -8.63 9.57 0.12
CA ASP B 99 -8.74 8.30 0.80
C ASP B 99 -7.40 8.00 1.47
N ILE B 100 -7.20 8.56 2.66
CA ILE B 100 -5.94 8.36 3.35
C ILE B 100 -6.12 8.55 4.84
N ALA B 101 -5.29 7.89 5.63
CA ALA B 101 -5.35 8.02 7.08
C ALA B 101 -4.04 7.55 7.70
N LEU B 102 -3.74 8.09 8.88
CA LEU B 102 -2.51 7.74 9.56
C LEU B 102 -2.73 7.02 10.88
N MET B 103 -1.83 6.08 11.16
CA MET B 103 -1.87 5.30 12.39
C MET B 103 -0.63 5.55 13.26
N LYS B 104 -0.86 5.97 14.49
CA LYS B 104 0.22 6.23 15.42
C LYS B 104 0.36 4.99 16.32
N LEU B 105 1.51 4.33 16.25
CA LEU B 105 1.77 3.14 17.05
C LEU B 105 1.99 3.44 18.52
N LYS B 106 1.46 2.59 19.37
CA LYS B 106 1.58 2.72 20.82
C LYS B 106 3.04 2.90 21.19
N LYS B 107 3.89 2.08 20.59
CA LYS B 107 5.33 2.12 20.82
C LYS B 107 6.13 1.78 19.57
N PRO B 108 7.29 2.43 19.40
CA PRO B 108 8.18 2.23 18.24
C PRO B 108 8.38 0.76 17.94
N VAL B 109 8.71 0.45 16.69
CA VAL B 109 8.94 -0.92 16.27
C VAL B 109 10.35 -1.08 15.69
N ALA B 110 11.10 -2.03 16.24
CA ALA B 110 12.46 -2.30 15.81
C ALA B 110 12.53 -2.77 14.36
N PHE B 111 13.39 -2.13 13.59
CA PHE B 111 13.55 -2.50 12.19
C PHE B 111 14.37 -3.77 12.08
N SER B 112 14.41 -4.33 10.87
CA SER B 112 15.18 -5.55 10.63
C SER B 112 15.13 -5.90 9.16
N ASP B 113 15.57 -7.10 8.84
CA ASP B 113 15.59 -7.56 7.46
C ASP B 113 14.17 -7.67 6.93
N TYR B 114 13.19 -7.72 7.84
CA TYR B 114 11.80 -7.88 7.43
C TYR B 114 10.95 -6.65 7.74
N ILE B 115 11.55 -5.69 8.42
CA ILE B 115 10.87 -4.48 8.80
C ILE B 115 11.73 -3.26 8.50
N HIS B 116 11.28 -2.45 7.55
CA HIS B 116 11.99 -1.24 7.15
C HIS B 116 11.01 -0.22 6.56
N PRO B 117 11.23 1.08 6.84
CA PRO B 117 10.43 2.22 6.39
C PRO B 117 10.63 2.62 4.93
N VAL B 118 9.54 2.96 4.26
CA VAL B 118 9.60 3.37 2.88
C VAL B 118 9.67 4.90 2.82
N CYS B 119 10.30 5.42 1.78
CA CYS B 119 10.41 6.86 1.63
C CYS B 119 9.11 7.43 1.08
N LEU B 120 8.84 8.68 1.41
CA LEU B 120 7.69 9.37 0.85
C LEU B 120 8.36 10.30 -0.13
N PRO B 121 7.74 10.52 -1.30
CA PRO B 121 8.36 11.41 -2.28
C PRO B 121 8.33 12.88 -1.92
N ASP B 122 8.99 13.69 -2.74
CA ASP B 122 9.03 15.14 -2.57
C ASP B 122 8.48 15.71 -3.87
N ARG B 123 8.14 16.99 -3.85
CA ARG B 123 7.59 17.65 -5.03
C ARG B 123 8.39 17.31 -6.28
N GLU B 124 9.72 17.33 -6.14
CA GLU B 124 10.61 17.05 -7.25
C GLU B 124 10.57 15.59 -7.66
N THR B 125 10.82 14.71 -6.70
CA THR B 125 10.82 13.27 -6.99
C THR B 125 9.48 12.84 -7.55
N ALA B 126 8.40 13.35 -6.97
CA ALA B 126 7.08 13.00 -7.47
C ALA B 126 7.01 13.47 -8.93
N ALA B 127 7.46 14.70 -9.14
CA ALA B 127 7.45 15.30 -10.47
C ALA B 127 8.03 14.43 -11.58
N SER B 128 9.20 13.84 -11.35
CA SER B 128 9.84 13.04 -12.39
C SER B 128 9.51 11.56 -12.39
N LEU B 129 8.92 11.04 -11.32
CA LEU B 129 8.59 9.62 -11.28
C LEU B 129 7.14 9.34 -11.63
N LEU B 130 6.24 10.23 -11.21
CA LEU B 130 4.83 10.05 -11.50
C LEU B 130 4.46 10.43 -12.93
N GLN B 131 4.69 9.50 -13.86
CA GLN B 131 4.39 9.73 -15.26
C GLN B 131 3.82 8.50 -15.94
N ALA B 132 2.86 8.72 -16.83
CA ALA B 132 2.24 7.61 -17.54
C ALA B 132 3.36 6.83 -18.19
N GLY B 133 3.15 5.51 -18.35
CA GLY B 133 4.17 4.68 -18.95
C GLY B 133 5.07 3.98 -17.93
N TYR B 134 5.48 4.72 -16.90
CA TYR B 134 6.33 4.14 -15.87
C TYR B 134 5.56 3.10 -15.05
N LYS B 135 6.25 2.05 -14.62
CA LYS B 135 5.63 1.00 -13.83
C LYS B 135 5.90 1.19 -12.34
N GLY B 136 4.96 0.71 -11.52
CA GLY B 136 5.08 0.81 -10.08
C GLY B 136 4.82 -0.55 -9.49
N ARG B 137 4.94 -0.67 -8.18
CA ARG B 137 4.71 -1.96 -7.57
C ARG B 137 3.56 -1.92 -6.54
N VAL B 138 2.85 -3.03 -6.43
CA VAL B 138 1.73 -3.15 -5.51
C VAL B 138 1.84 -4.51 -4.83
N THR B 139 1.66 -4.53 -3.51
CA THR B 139 1.77 -5.77 -2.76
C THR B 139 0.65 -5.98 -1.74
N GLY B 140 0.34 -7.26 -1.49
CA GLY B 140 -0.71 -7.56 -0.55
C GLY B 140 -1.09 -9.02 -0.50
N TRP B 141 -1.96 -9.32 0.46
CA TRP B 141 -2.48 -10.65 0.69
C TRP B 141 -3.95 -10.64 0.25
N GLY B 142 -4.27 -9.72 -0.65
CA GLY B 142 -5.64 -9.60 -1.16
C GLY B 142 -5.99 -10.71 -2.14
N ASN B 143 -7.28 -10.79 -2.50
CA ASN B 143 -7.76 -11.82 -3.42
C ASN B 143 -7.01 -11.94 -4.74
N LEU B 144 -7.03 -13.15 -5.30
CA LEU B 144 -6.34 -13.44 -6.56
C LEU B 144 -7.20 -13.18 -7.81
N LYS B 145 -8.53 -13.23 -7.63
CA LYS B 145 -9.48 -12.97 -8.70
C LYS B 145 -10.74 -12.37 -8.04
N GLU B 146 -11.73 -11.95 -8.82
CA GLU B 146 -12.92 -11.36 -8.21
C GLU B 146 -13.68 -12.30 -7.27
N THR B 147 -14.36 -13.30 -7.82
CA THR B 147 -15.11 -14.26 -7.00
C THR B 147 -15.71 -15.38 -7.87
N GLY B 155 -8.53 -18.67 -5.06
CA GLY B 155 -8.99 -18.14 -3.80
C GLY B 155 -8.12 -17.02 -3.26
N GLN B 156 -7.51 -17.25 -2.11
CA GLN B 156 -6.65 -16.26 -1.49
C GLN B 156 -5.20 -16.71 -1.51
N PRO B 157 -4.26 -15.74 -1.40
CA PRO B 157 -2.83 -16.01 -1.41
C PRO B 157 -2.36 -16.60 -0.09
N SER B 158 -1.42 -17.55 -0.16
CA SER B 158 -0.88 -18.19 1.04
C SER B 158 0.32 -17.34 1.45
N VAL B 159 0.85 -16.60 0.48
CA VAL B 159 1.99 -15.74 0.70
C VAL B 159 1.80 -14.41 -0.03
N LEU B 160 2.34 -13.34 0.55
CA LEU B 160 2.25 -11.99 -0.03
C LEU B 160 2.46 -12.03 -1.56
N GLN B 161 1.64 -11.27 -2.28
CA GLN B 161 1.73 -11.22 -3.74
C GLN B 161 2.28 -9.90 -4.28
N VAL B 162 3.01 -9.98 -5.38
CA VAL B 162 3.62 -8.81 -6.00
C VAL B 162 3.18 -8.66 -7.47
N VAL B 163 3.06 -7.42 -7.91
CA VAL B 163 2.68 -7.16 -9.30
C VAL B 163 3.23 -5.79 -9.68
N ASN B 164 3.65 -5.64 -10.93
CA ASN B 164 4.16 -4.36 -11.42
C ASN B 164 3.16 -3.83 -12.41
N LEU B 165 2.79 -2.56 -12.28
CA LEU B 165 1.81 -2.00 -13.18
C LEU B 165 2.22 -0.65 -13.71
N PRO B 166 1.83 -0.36 -14.95
CA PRO B 166 2.16 0.92 -15.59
C PRO B 166 1.08 1.94 -15.28
N ILE B 167 1.50 3.18 -15.00
CA ILE B 167 0.60 4.27 -14.69
C ILE B 167 -0.15 4.68 -15.95
N VAL B 168 -1.40 5.14 -15.79
CA VAL B 168 -2.22 5.55 -16.93
C VAL B 168 -2.42 7.07 -17.04
N GLU B 169 -2.59 7.55 -18.27
CA GLU B 169 -2.79 8.98 -18.52
C GLU B 169 -4.09 9.46 -17.90
N ARG B 170 -4.11 10.71 -17.47
CA ARG B 170 -5.29 11.30 -16.84
C ARG B 170 -6.58 11.06 -17.66
N PRO B 171 -6.59 11.41 -18.97
CA PRO B 171 -7.75 11.23 -19.83
C PRO B 171 -8.26 9.80 -19.85
N VAL B 172 -7.34 8.88 -20.14
CA VAL B 172 -7.67 7.48 -20.19
C VAL B 172 -8.31 7.01 -18.88
N CYS B 173 -7.76 7.44 -17.74
CA CYS B 173 -8.34 7.06 -16.46
C CYS B 173 -9.71 7.66 -16.37
N LYS B 174 -9.80 8.95 -16.69
CA LYS B 174 -11.07 9.66 -16.61
C LYS B 174 -12.18 8.97 -17.40
N ASP B 175 -11.86 8.51 -18.60
CA ASP B 175 -12.85 7.89 -19.48
C ASP B 175 -13.15 6.41 -19.24
N SER B 176 -12.52 5.79 -18.25
CA SER B 176 -12.79 4.39 -18.00
C SER B 176 -13.87 4.24 -16.93
N THR B 177 -14.40 5.36 -16.45
CA THR B 177 -15.41 5.30 -15.41
C THR B 177 -16.48 6.40 -15.45
N ARG B 178 -17.54 6.16 -14.70
CA ARG B 178 -18.65 7.09 -14.58
C ARG B 178 -18.35 7.87 -13.31
N ILE B 179 -17.60 7.24 -12.40
CA ILE B 179 -17.20 7.85 -11.13
C ILE B 179 -16.35 9.07 -11.39
N ARG B 180 -16.42 10.05 -10.50
CA ARG B 180 -15.68 11.29 -10.65
C ARG B 180 -14.26 11.20 -10.10
N ILE B 181 -13.28 11.39 -10.99
CA ILE B 181 -11.88 11.34 -10.63
C ILE B 181 -11.42 12.72 -10.18
N THR B 182 -10.60 12.78 -9.14
CA THR B 182 -10.06 14.05 -8.65
C THR B 182 -8.55 14.00 -8.74
N ASP B 183 -7.92 15.15 -8.59
CA ASP B 183 -6.46 15.24 -8.67
C ASP B 183 -5.78 14.45 -7.54
N ASN B 184 -6.52 14.16 -6.47
CA ASN B 184 -5.99 13.41 -5.32
C ASN B 184 -5.85 11.94 -5.63
N MET B 185 -6.09 11.56 -6.87
CA MET B 185 -5.99 10.17 -7.24
C MET B 185 -5.46 10.03 -8.66
N PHE B 186 -4.93 8.85 -8.95
CA PHE B 186 -4.43 8.53 -10.27
C PHE B 186 -4.75 7.06 -10.42
N CYS B 187 -4.60 6.52 -11.63
CA CYS B 187 -4.90 5.12 -11.87
C CYS B 187 -3.75 4.42 -12.59
N ALA B 188 -3.74 3.10 -12.53
CA ALA B 188 -2.70 2.30 -13.16
C ALA B 188 -3.29 0.97 -13.61
N GLY B 189 -2.58 0.30 -14.50
CA GLY B 189 -3.05 -0.98 -15.00
C GLY B 189 -2.76 -1.11 -16.48
N TYR B 190 -2.67 -2.35 -16.97
CA TYR B 190 -2.40 -2.58 -18.37
C TYR B 190 -3.63 -2.33 -19.23
N LYS B 191 -3.40 -1.73 -20.39
CA LYS B 191 -4.46 -1.43 -21.33
C LYS B 191 -5.05 -2.69 -21.93
N PRO B 192 -6.31 -2.61 -22.37
CA PRO B 192 -7.04 -3.73 -22.98
C PRO B 192 -6.25 -4.39 -24.10
N ASP B 193 -5.63 -3.58 -24.95
CA ASP B 193 -4.86 -4.12 -26.04
C ASP B 193 -3.36 -4.29 -25.81
N GLU B 194 -2.82 -3.66 -24.76
CA GLU B 194 -1.40 -3.83 -24.46
C GLU B 194 -1.32 -5.31 -24.22
N GLY B 195 -2.50 -5.91 -24.25
CA GLY B 195 -2.64 -7.33 -24.04
C GLY B 195 -1.85 -7.75 -22.82
N LYS B 196 -2.34 -7.35 -21.67
CA LYS B 196 -1.67 -7.70 -20.42
C LYS B 196 -2.66 -7.57 -19.27
N ARG B 197 -2.50 -8.41 -18.26
CA ARG B 197 -3.41 -8.38 -17.12
C ARG B 197 -2.67 -8.26 -15.78
N GLY B 198 -3.35 -7.67 -14.80
CA GLY B 198 -2.77 -7.50 -13.48
C GLY B 198 -3.50 -6.39 -12.73
N ASP B 199 -3.73 -6.57 -11.43
CA ASP B 199 -4.45 -5.57 -10.65
C ASP B 199 -4.47 -5.88 -9.14
N ALA B 200 -4.89 -4.88 -8.37
CA ALA B 200 -5.02 -5.04 -6.93
C ALA B 200 -6.40 -5.65 -6.78
N CYS B 201 -6.79 -6.04 -5.58
CA CYS B 201 -8.10 -6.64 -5.40
C CYS B 201 -8.51 -6.63 -3.92
N GLU B 202 -9.59 -7.32 -3.56
CA GLU B 202 -10.07 -7.33 -2.17
C GLU B 202 -9.03 -7.73 -1.16
N GLY B 203 -8.71 -6.82 -0.25
CA GLY B 203 -7.73 -7.14 0.75
C GLY B 203 -6.42 -6.42 0.53
N ASP B 204 -6.24 -5.81 -0.64
CA ASP B 204 -5.00 -5.11 -0.91
C ASP B 204 -5.13 -3.67 -0.45
N SER B 205 -6.31 -3.32 -0.14
CA SER B 205 -6.63 -1.99 0.31
C SER B 205 -5.60 -1.50 1.29
N GLY B 206 -5.41 -0.16 1.18
CA GLY B 206 -4.44 0.50 2.04
C GLY B 206 -3.03 0.19 1.54
N GLY B 207 -2.94 -0.87 0.71
CA GLY B 207 -1.70 -1.35 0.12
C GLY B 207 -0.82 -0.27 -0.44
N PRO B 208 0.51 -0.45 -0.45
CA PRO B 208 1.40 0.57 -0.95
C PRO B 208 1.67 0.42 -2.45
N PHE B 209 1.69 1.53 -3.17
CA PHE B 209 2.02 1.52 -4.60
C PHE B 209 3.36 2.25 -4.59
N VAL B 210 4.42 1.53 -4.96
CA VAL B 210 5.73 2.12 -4.93
C VAL B 210 6.51 2.13 -6.25
N MET B 211 7.65 2.81 -6.23
CA MET B 211 8.53 2.94 -7.39
C MET B 211 9.92 3.23 -6.84
N LYS B 212 10.97 2.74 -7.48
CA LYS B 212 12.29 3.04 -6.95
C LYS B 212 13.03 4.05 -7.84
N SER B 213 13.32 5.21 -7.26
CA SER B 213 14.02 6.27 -7.95
C SER B 213 15.33 5.72 -8.52
N PRO B 214 15.52 5.82 -9.84
CA PRO B 214 16.75 5.31 -10.45
C PRO B 214 17.92 6.22 -10.08
N PHE B 215 17.60 7.36 -9.48
CA PHE B 215 18.62 8.32 -9.08
C PHE B 215 19.33 7.92 -7.80
N ASN B 216 18.57 7.73 -6.72
CA ASN B 216 19.17 7.38 -5.44
C ASN B 216 18.96 5.92 -5.06
N ASN B 217 18.34 5.16 -5.96
CA ASN B 217 18.06 3.73 -5.75
C ASN B 217 17.13 3.40 -4.59
N ARG B 218 16.48 4.42 -4.05
CA ARG B 218 15.56 4.20 -2.94
C ARG B 218 14.14 4.00 -3.44
N TRP B 219 13.32 3.36 -2.63
CA TRP B 219 11.93 3.14 -3.00
C TRP B 219 11.07 4.22 -2.40
N TYR B 220 10.12 4.69 -3.18
CA TYR B 220 9.20 5.73 -2.74
C TYR B 220 7.77 5.19 -2.87
N GLN B 221 6.90 5.56 -1.95
CA GLN B 221 5.51 5.12 -2.05
C GLN B 221 4.84 6.28 -2.75
N MET B 222 4.28 6.03 -3.93
CA MET B 222 3.62 7.11 -4.67
C MET B 222 2.10 7.13 -4.46
N GLY B 223 1.52 5.99 -4.12
CA GLY B 223 0.09 5.96 -3.94
C GLY B 223 -0.37 4.84 -3.03
N ILE B 224 -1.64 4.94 -2.61
CA ILE B 224 -2.28 3.98 -1.73
C ILE B 224 -3.35 3.26 -2.52
N VAL B 225 -3.38 1.94 -2.43
CA VAL B 225 -4.41 1.19 -3.15
C VAL B 225 -5.72 1.72 -2.59
N SER B 226 -6.48 2.42 -3.43
CA SER B 226 -7.73 3.03 -2.99
C SER B 226 -9.03 2.34 -3.43
N TRP B 227 -9.33 2.33 -4.73
CA TRP B 227 -10.57 1.70 -5.16
C TRP B 227 -10.57 1.23 -6.62
N GLY B 228 -11.49 0.30 -6.92
CA GLY B 228 -11.62 -0.22 -8.27
C GLY B 228 -13.04 -0.70 -8.56
N GLU B 229 -13.30 -1.03 -9.82
CA GLU B 229 -14.60 -1.53 -10.23
C GLU B 229 -14.35 -2.95 -10.71
N GLY B 230 -14.21 -3.85 -9.75
CA GLY B 230 -13.92 -5.24 -10.05
C GLY B 230 -12.42 -5.37 -9.98
N CYS B 231 -11.88 -6.51 -10.40
CA CYS B 231 -10.44 -6.68 -10.36
C CYS B 231 -9.93 -7.10 -11.72
N ALA B 232 -9.13 -6.25 -12.34
CA ALA B 232 -8.55 -6.54 -13.64
C ALA B 232 -9.55 -6.79 -14.77
N ARG B 233 -10.60 -5.98 -14.85
CA ARG B 233 -11.56 -6.16 -15.93
C ARG B 233 -11.07 -5.35 -17.11
N LYS B 234 -11.27 -5.87 -18.31
CA LYS B 234 -10.84 -5.17 -19.52
C LYS B 234 -11.49 -3.80 -19.55
N GLY B 235 -10.70 -2.80 -19.97
CA GLY B 235 -11.20 -1.45 -20.05
C GLY B 235 -11.21 -0.69 -18.74
N LYS B 236 -11.15 -1.42 -17.63
CA LYS B 236 -11.17 -0.81 -16.31
C LYS B 236 -9.76 -0.67 -15.71
N TYR B 237 -9.57 0.38 -14.92
CA TYR B 237 -8.27 0.64 -14.28
C TYR B 237 -8.35 0.73 -12.75
N GLY B 238 -7.23 0.50 -12.07
CA GLY B 238 -7.20 0.57 -10.62
C GLY B 238 -6.84 1.95 -10.15
N PHE B 239 -7.47 2.43 -9.08
CA PHE B 239 -7.18 3.78 -8.57
C PHE B 239 -6.46 3.85 -7.23
N TYR B 240 -5.55 4.81 -7.13
CA TYR B 240 -4.76 4.98 -5.93
C TYR B 240 -4.79 6.41 -5.43
N THR B 241 -4.57 6.57 -4.12
CA THR B 241 -4.54 7.87 -3.46
C THR B 241 -3.22 8.55 -3.83
N HIS B 242 -3.28 9.70 -4.47
CA HIS B 242 -2.06 10.40 -4.86
C HIS B 242 -1.34 10.86 -3.59
N VAL B 243 -0.41 10.05 -3.13
CA VAL B 243 0.33 10.34 -1.89
C VAL B 243 0.91 11.73 -1.79
N PHE B 244 1.91 12.04 -2.61
CA PHE B 244 2.54 13.35 -2.55
C PHE B 244 1.60 14.55 -2.44
N ARG B 245 0.51 14.56 -3.19
CA ARG B 245 -0.44 15.67 -3.17
C ARG B 245 -1.10 15.86 -1.80
N LEU B 246 -0.94 14.88 -0.92
CA LEU B 246 -1.52 14.94 0.41
C LEU B 246 -0.44 14.93 1.49
N LYS B 247 0.82 14.89 1.07
CA LYS B 247 1.91 14.85 2.03
C LYS B 247 1.94 16.08 2.94
N LYS B 248 1.37 17.18 2.47
CA LYS B 248 1.32 18.39 3.27
C LYS B 248 0.49 18.15 4.54
N TRP B 249 -0.52 17.30 4.42
CA TRP B 249 -1.39 16.95 5.55
C TRP B 249 -0.66 15.98 6.47
N ILE B 250 -0.07 14.96 5.87
CA ILE B 250 0.66 13.96 6.61
C ILE B 250 1.66 14.65 7.53
N GLN B 251 2.49 15.49 6.95
CA GLN B 251 3.49 16.24 7.71
C GLN B 251 2.83 17.04 8.81
N LYS B 252 1.62 17.51 8.56
CA LYS B 252 0.90 18.29 9.54
C LYS B 252 0.65 17.47 10.80
N VAL B 253 0.00 16.32 10.67
CA VAL B 253 -0.30 15.51 11.84
C VAL B 253 0.94 14.89 12.48
N ILE B 254 1.88 14.45 11.66
CA ILE B 254 3.08 13.83 12.21
C ILE B 254 3.90 14.74 13.11
N ASP B 255 4.53 15.77 12.56
CA ASP B 255 5.36 16.64 13.38
C ASP B 255 4.64 17.23 14.60
N GLN B 256 3.33 17.34 14.52
CA GLN B 256 2.57 17.90 15.63
C GLN B 256 2.36 16.88 16.74
N PHE B 257 1.73 15.76 16.38
CA PHE B 257 1.43 14.73 17.36
C PHE B 257 2.56 13.74 17.64
N GLY B 258 3.79 14.25 17.75
CA GLY B 258 4.93 13.40 18.04
C GLY B 258 5.42 12.63 16.82
N GLU B 259 6.72 12.35 16.77
CA GLU B 259 7.30 11.61 15.65
C GLU B 259 8.45 10.70 16.07
N ASP C 1 -9.89 -20.00 9.93
CA ASP C 1 -8.49 -19.73 8.93
C ASP C 1 -6.94 -18.90 9.54
N PHE C 2 -7.17 -17.80 10.36
CA PHE C 2 -5.86 -17.29 10.75
C PHE C 2 -5.40 -17.89 12.06
N GLU C 3 -4.16 -18.37 12.06
CA GLU C 3 -3.57 -18.96 13.25
C GLU C 3 -3.60 -17.99 14.42
N GLU C 4 -3.93 -18.52 15.60
CA GLU C 4 -4.01 -17.70 16.81
C GLU C 4 -2.70 -16.94 17.05
N ILE C 5 -3.05 -15.77 17.46
CA ILE C 5 -1.79 -15.06 17.79
C ILE C 5 -1.73 -14.87 19.26
N PRO C 6 -0.55 -14.57 19.79
CA PRO C 6 -0.07 -14.59 21.38
C PRO C 6 -1.18 -14.07 22.23
N GLY C 7 -1.37 -14.64 23.56
CA GLY C 7 -2.43 -14.01 24.36
C GLY C 7 -1.87 -12.36 24.49
N GLU C 8 -0.56 -12.18 24.72
CA GLU C 8 -0.27 -10.98 25.29
C GLU C 8 -0.92 -9.84 24.50
N LEU C 10 -3.39 -8.91 22.97
CA LEU C 10 -4.83 -8.70 22.97
C LEU C 10 -5.26 -7.83 24.15
#